data_6A86
#
_entry.id   6A86
#
_cell.length_a   145.280
_cell.length_b   145.280
_cell.length_c   39.625
_cell.angle_alpha   90.00
_cell.angle_beta   90.00
_cell.angle_gamma   120.00
#
_symmetry.space_group_name_H-M   'H 3'
#
loop_
_entity.id
_entity.type
_entity.pdbx_description
1 polymer lectin
2 non-polymer (3R)-butane-1,3-diol
3 water water
#
_entity_poly.entity_id   1
_entity_poly.type   'polypeptide(L)'
_entity_poly.pdbx_seq_one_letter_code
;APVPVTKLVCDGDTYKCTAYLDYGDGKWVAQWDTAVFHTT
;
_entity_poly.pdbx_strand_id   A,B,C,D,E,F
#
loop_
_chem_comp.id
_chem_comp.type
_chem_comp.name
_chem_comp.formula
BU4 non-polymer (3R)-butane-1,3-diol 'C4 H10 O2'
#
# COMPACT_ATOMS: atom_id res chain seq x y z
N ALA A 1 -5.45 22.02 2.95
CA ALA A 1 -5.67 22.26 1.47
C ALA A 1 -4.42 21.68 0.79
N PRO A 2 -4.56 21.19 -0.44
CA PRO A 2 -3.42 20.53 -1.04
C PRO A 2 -2.43 21.59 -1.54
N VAL A 3 -1.17 21.36 -1.24
CA VAL A 3 -0.11 22.24 -1.64
C VAL A 3 0.90 21.52 -2.52
N PRO A 4 1.10 21.99 -3.77
CA PRO A 4 2.00 21.31 -4.68
C PRO A 4 3.45 21.39 -4.25
N VAL A 5 4.19 20.33 -4.52
CA VAL A 5 5.62 20.31 -4.26
C VAL A 5 6.30 20.61 -5.60
N THR A 6 7.23 21.55 -5.61
CA THR A 6 7.95 21.95 -6.85
C THR A 6 9.23 21.10 -7.06
N LYS A 7 9.94 20.77 -6.00
CA LYS A 7 11.12 19.96 -6.11
C LYS A 7 11.47 19.42 -4.76
N LEU A 8 12.40 18.45 -4.74
CA LEU A 8 12.83 17.82 -3.53
C LEU A 8 14.35 17.78 -3.47
N VAL A 9 14.91 17.92 -2.28
CA VAL A 9 16.33 17.68 -2.01
C VAL A 9 16.47 16.77 -0.81
N CYS A 10 17.64 16.13 -0.74
CA CYS A 10 17.96 15.33 0.44
CA CYS A 10 17.98 15.28 0.36
C CYS A 10 19.36 15.65 0.91
N ASP A 11 19.54 15.63 2.22
CA ASP A 11 20.86 15.99 2.79
C ASP A 11 21.41 14.85 3.67
N GLY A 12 22.55 14.32 3.26
CA GLY A 12 23.30 13.31 3.98
C GLY A 12 23.98 13.83 5.25
N ASP A 13 24.08 15.12 5.43
CA ASP A 13 24.55 15.68 6.75
C ASP A 13 23.44 15.64 7.74
N THR A 14 22.22 15.93 7.31
CA THR A 14 21.12 15.95 8.28
C THR A 14 20.18 14.78 8.28
N TYR A 15 20.21 13.96 7.28
CA TYR A 15 19.30 12.84 7.12
C TYR A 15 17.87 13.30 6.98
N LYS A 16 17.70 14.39 6.25
CA LYS A 16 16.37 14.98 6.05
C LYS A 16 16.14 15.13 4.58
N CYS A 17 14.92 14.81 4.15
CA CYS A 17 14.51 15.27 2.81
CA CYS A 17 14.48 15.19 2.86
C CYS A 17 13.75 16.51 2.95
N THR A 18 13.94 17.46 2.03
CA THR A 18 13.18 18.67 2.01
C THR A 18 12.44 18.89 0.70
N ALA A 19 11.12 19.03 0.76
CA ALA A 19 10.27 19.33 -0.37
C ALA A 19 9.91 20.83 -0.35
N TYR A 20 10.17 21.50 -1.45
CA TYR A 20 9.82 22.89 -1.58
C TYR A 20 8.39 23.04 -2.05
N LEU A 21 7.70 23.97 -1.48
CA LEU A 21 6.27 24.07 -1.70
C LEU A 21 5.89 25.23 -2.58
N ASP A 22 4.89 25.04 -3.43
CA ASP A 22 4.28 26.14 -4.13
C ASP A 22 3.20 26.76 -3.30
N TYR A 23 3.55 27.81 -2.57
CA TYR A 23 2.70 28.35 -1.56
C TYR A 23 3.24 29.71 -1.08
N GLY A 24 2.31 30.62 -0.81
CA GLY A 24 2.66 31.92 -0.23
C GLY A 24 3.82 32.62 -0.95
N ASP A 25 4.82 33.04 -0.17
CA ASP A 25 6.00 33.74 -0.68
C ASP A 25 7.01 32.82 -1.32
N GLY A 26 6.73 31.51 -1.49
CA GLY A 26 7.70 30.63 -2.07
C GLY A 26 8.75 30.01 -1.18
N LYS A 27 8.76 30.38 0.10
CA LYS A 27 9.77 30.01 1.01
C LYS A 27 9.35 28.95 2.00
N TRP A 28 8.24 28.25 1.77
CA TRP A 28 7.83 27.13 2.66
C TRP A 28 8.37 25.79 2.13
N VAL A 29 8.66 24.91 3.04
CA VAL A 29 9.17 23.55 2.75
C VAL A 29 8.50 22.58 3.71
N ALA A 30 8.54 21.31 3.33
CA ALA A 30 8.06 20.20 4.15
C ALA A 30 9.26 19.30 4.29
N GLN A 31 9.52 18.82 5.48
CA GLN A 31 10.71 17.99 5.74
C GLN A 31 10.36 16.73 6.41
N TRP A 32 11.16 15.74 6.14
CA TRP A 32 11.05 14.46 6.90
C TRP A 32 12.32 13.77 6.97
N ASP A 33 12.41 12.89 7.97
CA ASP A 33 13.64 12.09 8.19
C ASP A 33 13.74 11.00 7.21
N THR A 34 14.91 10.75 6.73
CA THR A 34 15.13 9.72 5.76
C THR A 34 16.43 9.00 6.02
N ALA A 35 16.55 7.76 5.53
CA ALA A 35 17.85 7.14 5.44
C ALA A 35 18.56 7.68 4.19
N VAL A 36 19.87 7.80 4.24
CA VAL A 36 20.62 8.22 3.05
C VAL A 36 21.82 7.32 2.98
N PHE A 37 22.06 6.67 1.84
CA PHE A 37 23.19 5.77 1.74
C PHE A 37 23.58 5.55 0.30
N HIS A 38 24.76 4.97 0.17
CA HIS A 38 25.33 4.64 -1.10
C HIS A 38 25.05 3.20 -1.41
N THR A 39 24.44 2.92 -2.55
CA THR A 39 24.05 1.55 -2.84
C THR A 39 25.14 0.82 -3.60
N THR A 40 24.86 -0.44 -3.77
CA THR A 40 25.60 -1.35 -4.64
C THR A 40 25.50 -0.94 -6.13
N ALA B 1 7.91 -4.29 -6.10
CA ALA B 1 8.52 -3.73 -7.32
C ALA B 1 8.24 -2.20 -7.32
N PRO B 2 9.24 -1.43 -7.63
CA PRO B 2 9.07 0.02 -7.52
C PRO B 2 8.16 0.52 -8.56
N VAL B 3 7.38 1.53 -8.25
CA VAL B 3 6.60 2.23 -9.22
C VAL B 3 6.90 3.71 -9.15
N PRO B 4 6.81 4.38 -10.28
CA PRO B 4 7.09 5.81 -10.30
C PRO B 4 6.14 6.69 -9.47
N VAL B 5 6.67 7.71 -8.81
CA VAL B 5 5.85 8.72 -8.25
C VAL B 5 5.75 9.83 -9.28
N THR B 6 4.56 10.27 -9.66
CA THR B 6 4.32 11.29 -10.62
C THR B 6 4.37 12.70 -10.05
N LYS B 7 3.86 12.85 -8.85
CA LYS B 7 3.92 14.13 -8.14
C LYS B 7 3.72 13.90 -6.67
N LEU B 8 4.13 14.93 -5.92
CA LEU B 8 3.90 14.99 -4.46
C LEU B 8 3.07 16.22 -4.14
N VAL B 9 2.19 16.09 -3.15
CA VAL B 9 1.36 17.19 -2.67
C VAL B 9 1.39 17.09 -1.17
N CYS B 10 1.42 18.22 -0.47
CA CYS B 10 1.41 18.27 1.01
CA CYS B 10 1.44 18.18 0.99
C CYS B 10 0.20 18.91 1.53
N ASP B 11 -0.45 18.37 2.57
CA ASP B 11 -1.59 19.06 3.06
C ASP B 11 -1.16 20.18 4.01
N GLY B 12 -1.69 21.34 3.75
CA GLY B 12 -1.35 22.55 4.45
C GLY B 12 -1.88 22.66 5.90
N ASP B 13 -2.80 21.79 6.26
CA ASP B 13 -3.34 21.77 7.63
C ASP B 13 -2.73 20.67 8.51
N THR B 14 -2.55 19.48 7.95
CA THR B 14 -2.05 18.31 8.63
C THR B 14 -0.63 18.03 8.40
N TYR B 15 -0.11 18.61 7.33
CA TYR B 15 1.30 18.45 6.89
C TYR B 15 1.55 17.10 6.31
N LYS B 16 0.53 16.28 6.07
CA LYS B 16 0.73 14.99 5.41
C LYS B 16 1.11 15.14 3.94
N CYS B 17 2.05 14.37 3.49
CA CYS B 17 2.51 14.35 2.12
C CYS B 17 1.86 13.18 1.42
N THR B 18 1.31 13.42 0.25
CA THR B 18 0.80 12.36 -0.58
C THR B 18 1.61 12.25 -1.86
N ALA B 19 2.04 11.03 -2.18
CA ALA B 19 2.76 10.75 -3.44
C ALA B 19 1.78 9.97 -4.35
N TYR B 20 1.59 10.50 -5.54
CA TYR B 20 0.74 9.90 -6.56
C TYR B 20 1.53 8.94 -7.37
N LEU B 21 1.01 7.70 -7.52
CA LEU B 21 1.76 6.65 -8.15
C LEU B 21 1.26 6.33 -9.55
N ASP B 22 2.20 6.01 -10.42
CA ASP B 22 1.88 5.58 -11.78
C ASP B 22 1.81 4.10 -11.75
N TYR B 23 0.58 3.58 -11.56
CA TYR B 23 0.38 2.16 -11.61
C TYR B 23 -1.09 1.90 -11.82
N GLY B 24 -1.38 0.87 -12.59
CA GLY B 24 -2.78 0.41 -12.73
C GLY B 24 -3.73 1.48 -13.08
N ASP B 25 -4.76 1.60 -12.27
CA ASP B 25 -5.78 2.54 -12.54
C ASP B 25 -5.50 3.97 -12.19
N GLY B 26 -4.30 4.28 -11.71
CA GLY B 26 -4.01 5.69 -11.53
C GLY B 26 -4.35 6.19 -10.12
N LYS B 27 -4.96 5.36 -9.30
CA LYS B 27 -5.54 5.82 -8.04
C LYS B 27 -4.78 5.44 -6.84
N TRP B 28 -3.58 4.92 -6.97
CA TRP B 28 -2.80 4.50 -5.84
C TRP B 28 -1.95 5.66 -5.33
N VAL B 29 -1.78 5.71 -4.01
CA VAL B 29 -0.97 6.73 -3.41
C VAL B 29 -0.12 6.17 -2.30
N ALA B 30 0.88 6.98 -1.87
CA ALA B 30 1.77 6.68 -0.69
C ALA B 30 1.71 7.94 0.18
N GLN B 31 1.65 7.82 1.45
CA GLN B 31 1.54 8.96 2.35
C GLN B 31 2.51 8.85 3.52
N TRP B 32 2.97 10.01 3.97
CA TRP B 32 3.80 10.06 5.17
C TRP B 32 3.68 11.41 5.80
N ASP B 33 4.14 11.51 7.04
CA ASP B 33 3.99 12.74 7.75
C ASP B 33 5.23 13.65 7.52
N THR B 34 5.01 14.93 7.66
CA THR B 34 6.12 15.92 7.49
C THR B 34 6.02 17.05 8.55
N ALA B 35 7.10 17.85 8.59
CA ALA B 35 7.14 19.11 9.34
C ALA B 35 7.26 20.19 8.27
N VAL B 36 6.34 21.09 8.27
CA VAL B 36 6.30 22.20 7.33
C VAL B 36 6.73 23.44 8.07
N PHE B 37 7.50 24.28 7.39
CA PHE B 37 7.85 25.58 7.99
C PHE B 37 8.40 26.53 6.95
N HIS B 38 8.58 27.79 7.38
CA HIS B 38 8.92 28.85 6.51
C HIS B 38 10.39 29.16 6.68
N THR B 39 11.15 29.27 5.59
CA THR B 39 12.61 29.54 5.68
C THR B 39 12.99 31.04 5.38
N THR B 40 14.29 31.34 5.51
CA THR B 40 14.84 32.61 5.09
C THR B 40 14.93 32.60 3.56
N ALA C 1 25.43 17.55 2.27
CA ALA C 1 24.90 18.74 1.51
C ALA C 1 23.48 18.41 1.00
N PRO C 2 22.61 19.42 0.86
CA PRO C 2 21.31 19.07 0.25
C PRO C 2 21.41 19.00 -1.26
N VAL C 3 21.19 17.81 -1.82
CA VAL C 3 21.35 17.60 -3.23
C VAL C 3 20.05 17.25 -3.84
N PRO C 4 19.91 17.45 -5.13
CA PRO C 4 18.59 17.24 -5.75
C PRO C 4 18.21 15.82 -5.78
N VAL C 5 16.92 15.61 -5.72
CA VAL C 5 16.34 14.29 -6.00
C VAL C 5 15.93 14.27 -7.42
N THR C 6 16.37 13.28 -8.20
CA THR C 6 16.16 13.26 -9.60
C THR C 6 15.11 12.31 -10.00
N LYS C 7 14.80 11.37 -9.14
CA LYS C 7 13.79 10.42 -9.47
C LYS C 7 13.27 9.85 -8.15
N LEU C 8 11.98 9.63 -8.10
CA LEU C 8 11.39 9.09 -6.91
C LEU C 8 10.48 7.86 -7.27
N VAL C 9 10.60 6.80 -6.52
CA VAL C 9 9.72 5.63 -6.73
C VAL C 9 9.23 5.11 -5.38
N CYS C 10 8.17 4.34 -5.42
CA CYS C 10 7.65 3.72 -4.24
C CYS C 10 7.45 2.24 -4.49
N ASP C 11 7.88 1.39 -3.57
CA ASP C 11 7.80 -0.06 -3.80
C ASP C 11 6.51 -0.54 -3.23
N GLY C 12 5.74 -1.28 -4.04
CA GLY C 12 4.45 -1.81 -3.59
C GLY C 12 4.58 -2.75 -2.38
N ASP C 13 5.49 -3.71 -2.52
CA ASP C 13 5.62 -4.70 -1.46
C ASP C 13 6.08 -4.13 -0.18
N THR C 14 7.21 -3.43 -0.17
CA THR C 14 7.84 -2.98 1.07
C THR C 14 7.33 -1.65 1.65
N TYR C 15 6.56 -0.86 0.95
CA TYR C 15 6.15 0.41 1.59
C TYR C 15 7.43 1.19 1.95
N LYS C 16 8.29 1.30 0.94
CA LYS C 16 9.45 2.21 1.05
C LYS C 16 9.48 3.12 -0.17
N CYS C 17 9.76 4.40 0.04
CA CYS C 17 9.98 5.27 -1.08
C CYS C 17 11.47 5.34 -1.25
N THR C 18 11.88 5.41 -2.50
CA THR C 18 13.30 5.56 -2.79
C THR C 18 13.55 6.80 -3.65
N ALA C 19 14.39 7.72 -3.18
CA ALA C 19 14.75 8.92 -3.97
C ALA C 19 16.18 8.82 -4.46
N TYR C 20 16.36 8.88 -5.74
CA TYR C 20 17.67 8.89 -6.34
C TYR C 20 18.27 10.27 -6.24
N LEU C 21 19.54 10.37 -5.83
CA LEU C 21 20.15 11.60 -5.59
C LEU C 21 21.18 12.02 -6.66
N ASP C 22 21.21 13.34 -6.94
CA ASP C 22 22.13 13.93 -7.92
C ASP C 22 23.40 14.29 -7.18
N TYR C 23 24.32 13.33 -7.14
CA TYR C 23 25.55 13.52 -6.40
C TYR C 23 26.51 12.38 -6.73
N GLY C 24 27.80 12.77 -6.93
CA GLY C 24 28.92 11.82 -6.92
C GLY C 24 28.77 10.82 -8.06
N ASP C 25 28.87 9.54 -7.71
CA ASP C 25 28.87 8.48 -8.68
C ASP C 25 27.44 8.02 -9.07
N GLY C 26 26.43 8.70 -8.62
CA GLY C 26 25.08 8.38 -9.07
C GLY C 26 24.45 7.25 -8.27
N LYS C 27 25.15 6.67 -7.31
CA LYS C 27 24.52 5.57 -6.49
C LYS C 27 24.04 5.94 -5.10
N TRP C 28 23.92 7.20 -4.79
CA TRP C 28 23.28 7.60 -3.57
C TRP C 28 21.73 7.63 -3.67
N VAL C 29 21.13 7.19 -2.62
CA VAL C 29 19.65 7.22 -2.44
C VAL C 29 19.25 7.64 -1.06
N ALA C 30 18.01 8.05 -0.92
CA ALA C 30 17.40 8.28 0.33
C ALA C 30 16.18 7.44 0.37
N GLN C 31 15.86 6.89 1.53
CA GLN C 31 14.68 6.02 1.67
C GLN C 31 13.89 6.32 2.92
N TRP C 32 12.56 6.25 2.84
CA TRP C 32 11.70 6.37 4.02
C TRP C 32 10.50 5.46 3.88
N ASP C 33 9.89 5.14 5.01
CA ASP C 33 8.69 4.34 4.99
C ASP C 33 7.44 5.14 4.62
N THR C 34 6.49 4.51 3.99
CA THR C 34 5.23 5.15 3.62
C THR C 34 4.06 4.19 3.82
N ALA C 35 2.87 4.71 3.79
CA ALA C 35 1.64 3.90 3.76
C ALA C 35 1.09 4.00 2.35
N VAL C 36 0.81 2.85 1.71
CA VAL C 36 0.40 2.83 0.34
C VAL C 36 -1.02 2.33 0.31
N PHE C 37 -1.84 3.00 -0.43
CA PHE C 37 -3.21 2.56 -0.55
C PHE C 37 -3.93 3.04 -1.78
N HIS C 38 -5.05 2.39 -2.09
CA HIS C 38 -5.83 2.78 -3.23
C HIS C 38 -6.89 3.77 -2.83
N THR C 39 -7.05 4.86 -3.55
CA THR C 39 -8.04 5.86 -3.17
C THR C 39 -9.40 5.60 -3.86
N THR C 40 -10.44 6.28 -3.40
CA THR C 40 -11.80 6.16 -3.96
C THR C 40 -12.08 7.32 -4.87
N ALA D 1 -2.60 -19.41 -14.05
CA ALA D 1 -3.82 -18.52 -13.92
C ALA D 1 -4.13 -18.06 -12.52
N PRO D 2 -3.71 -18.82 -11.46
CA PRO D 2 -3.72 -18.23 -10.13
C PRO D 2 -2.65 -17.14 -10.02
N VAL D 3 -3.06 -15.94 -9.62
CA VAL D 3 -2.09 -14.87 -9.39
C VAL D 3 -2.06 -14.32 -7.98
N PRO D 4 -0.96 -13.68 -7.57
CA PRO D 4 -0.92 -13.17 -6.21
C PRO D 4 -1.87 -11.97 -5.92
N VAL D 5 -2.29 -11.89 -4.67
CA VAL D 5 -3.05 -10.78 -4.18
C VAL D 5 -2.07 -9.83 -3.55
N THR D 6 -2.08 -8.57 -3.98
CA THR D 6 -1.16 -7.58 -3.40
C THR D 6 -1.73 -6.77 -2.26
N LYS D 7 -3.04 -6.66 -2.16
CA LYS D 7 -3.61 -5.82 -1.12
C LYS D 7 -5.02 -6.36 -0.93
N LEU D 8 -5.41 -6.63 0.32
CA LEU D 8 -6.80 -7.04 0.64
C LEU D 8 -7.53 -6.02 1.48
N VAL D 9 -8.74 -5.63 1.09
CA VAL D 9 -9.55 -4.73 1.86
C VAL D 9 -10.98 -5.28 2.01
N CYS D 10 -11.66 -4.90 3.08
CA CYS D 10 -13.02 -5.33 3.24
C CYS D 10 -13.90 -4.10 3.58
N ASP D 11 -15.16 -4.17 3.16
CA ASP D 11 -16.06 -3.06 3.24
C ASP D 11 -17.38 -3.52 3.90
N GLY D 12 -17.61 -3.08 5.13
CA GLY D 12 -18.84 -3.35 5.87
C GLY D 12 -20.09 -2.61 5.41
N ASP D 13 -19.99 -1.72 4.43
CA ASP D 13 -21.12 -1.08 3.81
C ASP D 13 -21.56 -1.83 2.58
N THR D 14 -20.64 -2.39 1.82
CA THR D 14 -21.03 -3.17 0.63
C THR D 14 -20.97 -4.65 0.85
N TYR D 15 -20.39 -5.08 1.97
CA TYR D 15 -20.23 -6.47 2.29
C TYR D 15 -19.45 -7.20 1.29
N LYS D 16 -18.35 -6.56 0.84
CA LYS D 16 -17.46 -7.15 -0.13
C LYS D 16 -16.02 -7.08 0.38
N CYS D 17 -15.26 -8.11 0.16
CA CYS D 17 -13.83 -8.13 0.27
CA CYS D 17 -13.78 -7.98 0.39
C CYS D 17 -13.20 -7.98 -1.09
N THR D 18 -12.32 -7.05 -1.30
CA THR D 18 -11.69 -6.84 -2.61
C THR D 18 -10.22 -7.18 -2.49
N ALA D 19 -9.69 -7.92 -3.47
CA ALA D 19 -8.31 -8.22 -3.49
C ALA D 19 -7.76 -7.67 -4.78
N TYR D 20 -6.79 -6.81 -4.65
CA TYR D 20 -6.07 -6.24 -5.78
C TYR D 20 -5.10 -7.28 -6.23
N LEU D 21 -5.03 -7.53 -7.52
CA LEU D 21 -4.18 -8.61 -8.03
C LEU D 21 -2.87 -8.10 -8.68
N ASP D 22 -1.82 -8.92 -8.62
CA ASP D 22 -0.56 -8.66 -9.32
C ASP D 22 -0.63 -9.43 -10.61
N TYR D 23 -1.09 -8.78 -11.65
CA TYR D 23 -1.37 -9.41 -12.92
C TYR D 23 -1.56 -8.35 -13.99
N GLY D 24 -0.97 -8.63 -15.13
CA GLY D 24 -1.27 -7.87 -16.31
C GLY D 24 -0.97 -6.42 -16.13
N ASP D 25 -1.89 -5.60 -16.54
CA ASP D 25 -1.79 -4.21 -16.55
C ASP D 25 -2.00 -3.55 -15.18
N GLY D 26 -2.13 -4.33 -14.09
CA GLY D 26 -2.41 -3.75 -12.83
C GLY D 26 -3.81 -3.36 -12.47
N LYS D 27 -4.74 -3.64 -13.34
CA LYS D 27 -6.11 -3.22 -13.13
C LYS D 27 -7.07 -4.37 -12.83
N TRP D 28 -6.54 -5.51 -12.55
CA TRP D 28 -7.35 -6.74 -12.20
C TRP D 28 -7.63 -6.76 -10.72
N VAL D 29 -8.83 -7.16 -10.40
CA VAL D 29 -9.34 -7.11 -9.02
C VAL D 29 -10.23 -8.32 -8.84
N ALA D 30 -10.13 -8.98 -7.70
CA ALA D 30 -11.14 -10.06 -7.35
C ALA D 30 -12.03 -9.51 -6.23
N GLN D 31 -13.28 -9.97 -6.13
CA GLN D 31 -14.13 -9.49 -5.10
C GLN D 31 -15.16 -10.52 -4.75
N TRP D 32 -15.43 -10.64 -3.45
CA TRP D 32 -16.44 -11.61 -2.98
C TRP D 32 -17.24 -11.14 -1.85
N ASP D 33 -18.38 -11.80 -1.65
CA ASP D 33 -19.21 -11.44 -0.55
C ASP D 33 -18.61 -11.83 0.76
N THR D 34 -18.79 -11.02 1.75
CA THR D 34 -18.36 -11.42 3.11
C THR D 34 -19.32 -10.89 4.08
N ALA D 35 -19.38 -11.54 5.25
CA ALA D 35 -20.02 -10.96 6.37
C ALA D 35 -19.12 -9.99 7.03
N VAL D 36 -19.65 -8.92 7.60
CA VAL D 36 -18.85 -8.00 8.39
C VAL D 36 -19.59 -7.73 9.67
N PHE D 37 -18.92 -7.89 10.78
CA PHE D 37 -19.59 -7.64 12.09
C PHE D 37 -18.67 -7.14 13.19
N HIS D 38 -19.28 -6.62 14.24
CA HIS D 38 -18.55 -6.02 15.35
C HIS D 38 -18.64 -7.03 16.49
N THR D 39 -17.48 -7.46 17.01
CA THR D 39 -17.49 -8.46 18.14
C THR D 39 -17.49 -7.77 19.50
N ALA E 1 -9.31 -25.40 14.56
CA ALA E 1 -8.86 -24.06 15.05
C ALA E 1 -8.35 -23.18 13.89
N PRO E 2 -8.17 -21.89 14.17
CA PRO E 2 -7.64 -20.96 13.18
C PRO E 2 -6.21 -21.24 12.83
N VAL E 3 -5.90 -21.15 11.55
CA VAL E 3 -4.55 -21.36 11.03
C VAL E 3 -4.22 -20.12 10.17
N PRO E 4 -2.98 -19.57 10.31
CA PRO E 4 -2.69 -18.33 9.55
C PRO E 4 -2.62 -18.61 8.07
N VAL E 5 -2.88 -17.58 7.27
CA VAL E 5 -2.82 -17.73 5.82
C VAL E 5 -1.41 -17.31 5.38
N THR E 6 -0.67 -18.21 4.74
CA THR E 6 0.72 -17.89 4.37
C THR E 6 0.76 -17.15 3.06
N LYS E 7 -0.09 -17.51 2.10
CA LYS E 7 -0.20 -16.70 0.91
C LYS E 7 -1.57 -16.82 0.29
N LEU E 8 -1.96 -15.78 -0.45
CA LEU E 8 -3.30 -15.79 -1.09
C LEU E 8 -3.19 -15.55 -2.61
N VAL E 9 -3.96 -16.29 -3.41
CA VAL E 9 -3.97 -16.14 -4.86
C VAL E 9 -5.36 -16.24 -5.39
N CYS E 10 -5.60 -15.69 -6.60
CA CYS E 10 -6.92 -15.81 -7.28
C CYS E 10 -6.78 -16.20 -8.72
N ASP E 11 -7.87 -16.69 -9.29
CA ASP E 11 -7.84 -17.33 -10.60
C ASP E 11 -9.05 -16.95 -11.40
N GLY E 12 -8.82 -16.14 -12.43
CA GLY E 12 -9.92 -15.63 -13.25
C GLY E 12 -10.42 -16.67 -14.25
N ASP E 13 -9.70 -17.78 -14.39
CA ASP E 13 -10.16 -18.92 -15.21
C ASP E 13 -11.20 -19.74 -14.51
N THR E 14 -10.98 -20.02 -13.23
CA THR E 14 -11.90 -20.78 -12.39
C THR E 14 -12.84 -19.91 -11.57
N TYR E 15 -12.59 -18.61 -11.48
CA TYR E 15 -13.37 -17.75 -10.60
C TYR E 15 -13.30 -18.23 -9.15
N LYS E 16 -12.11 -18.63 -8.70
CA LYS E 16 -11.87 -19.02 -7.31
C LYS E 16 -10.70 -18.31 -6.73
N CYS E 17 -10.73 -17.99 -5.42
CA CYS E 17 -9.49 -17.66 -4.70
C CYS E 17 -9.11 -18.82 -3.90
N THR E 18 -7.81 -18.96 -3.69
CA THR E 18 -7.23 -20.05 -2.96
C THR E 18 -6.27 -19.48 -1.97
N ALA E 19 -6.44 -19.87 -0.71
CA ALA E 19 -5.54 -19.48 0.36
C ALA E 19 -4.74 -20.68 0.81
N TYR E 20 -3.43 -20.50 0.86
CA TYR E 20 -2.51 -21.54 1.31
C TYR E 20 -2.36 -21.39 2.77
N LEU E 21 -2.68 -22.47 3.47
CA LEU E 21 -2.79 -22.45 4.91
C LEU E 21 -1.54 -23.03 5.46
N ASP E 22 -1.08 -22.38 6.52
CA ASP E 22 0.14 -22.76 7.27
C ASP E 22 -0.18 -23.91 8.23
N TYR E 23 -0.16 -25.17 7.75
CA TYR E 23 -0.62 -26.29 8.61
C TYR E 23 -0.08 -27.65 8.22
N GLY E 24 0.35 -28.40 9.24
CA GLY E 24 0.70 -29.83 9.14
C GLY E 24 1.63 -30.18 7.99
N ASP E 25 1.05 -30.79 6.97
CA ASP E 25 1.81 -31.23 5.80
C ASP E 25 2.08 -30.07 4.79
N GLY E 26 1.39 -28.92 4.90
CA GLY E 26 1.58 -27.77 3.99
C GLY E 26 0.78 -27.83 2.68
N LYS E 27 0.00 -28.88 2.51
CA LYS E 27 -0.77 -29.09 1.28
C LYS E 27 -2.21 -28.60 1.45
N TRP E 28 -2.50 -27.99 2.61
CA TRP E 28 -3.87 -27.58 2.95
C TRP E 28 -4.21 -26.18 2.43
N VAL E 29 -5.40 -26.08 1.82
CA VAL E 29 -5.89 -24.81 1.30
C VAL E 29 -7.37 -24.60 1.56
N ALA E 30 -7.78 -23.33 1.39
CA ALA E 30 -9.20 -22.91 1.45
C ALA E 30 -9.61 -22.27 0.14
N GLN E 31 -10.87 -22.41 -0.26
CA GLN E 31 -11.29 -21.92 -1.54
C GLN E 31 -12.67 -21.41 -1.52
N TRP E 32 -12.84 -20.36 -2.30
CA TRP E 32 -14.14 -19.79 -2.44
C TRP E 32 -14.35 -19.19 -3.82
N ASP E 33 -15.60 -19.02 -4.19
CA ASP E 33 -15.96 -18.36 -5.39
C ASP E 33 -15.67 -16.85 -5.31
N THR E 34 -15.23 -16.26 -6.42
CA THR E 34 -14.97 -14.80 -6.39
C THR E 34 -15.27 -14.23 -7.76
N ALA E 35 -15.69 -12.99 -7.81
CA ALA E 35 -15.69 -12.24 -9.07
C ALA E 35 -14.26 -11.84 -9.41
N VAL E 36 -13.96 -11.80 -10.68
CA VAL E 36 -12.66 -11.27 -11.17
C VAL E 36 -12.99 -10.32 -12.27
N PHE E 37 -12.49 -9.10 -12.17
CA PHE E 37 -12.79 -8.15 -13.18
C PHE E 37 -11.54 -7.20 -13.38
N HIS E 38 -11.60 -6.53 -14.48
CA HIS E 38 -10.55 -5.62 -15.00
C HIS E 38 -11.17 -4.25 -15.04
N THR E 39 -10.61 -3.26 -14.32
CA THR E 39 -11.21 -1.92 -14.44
C THR E 39 -10.65 -1.23 -15.65
N THR E 40 -11.48 -0.49 -16.33
CA THR E 40 -11.06 -0.05 -17.65
C THR E 40 -10.03 1.06 -17.49
N ALA F 1 -17.23 1.54 3.74
CA ALA F 1 -16.00 1.97 2.99
C ALA F 1 -14.91 0.93 3.22
N PRO F 2 -14.00 0.75 2.27
CA PRO F 2 -13.04 -0.31 2.43
C PRO F 2 -11.94 0.07 3.40
N VAL F 3 -11.59 -0.91 4.22
CA VAL F 3 -10.62 -0.73 5.25
C VAL F 3 -9.63 -1.87 5.15
N PRO F 4 -8.41 -1.65 5.63
CA PRO F 4 -7.37 -2.67 5.60
C PRO F 4 -7.69 -3.87 6.40
N VAL F 5 -7.23 -5.01 5.97
CA VAL F 5 -7.18 -6.25 6.69
C VAL F 5 -5.85 -6.42 7.41
N THR F 6 -5.89 -6.48 8.72
CA THR F 6 -4.66 -6.61 9.47
C THR F 6 -4.17 -8.03 9.63
N LYS F 7 -5.04 -9.03 9.52
CA LYS F 7 -4.65 -10.41 9.70
C LYS F 7 -5.74 -11.29 9.10
N LEU F 8 -5.33 -12.37 8.45
CA LEU F 8 -6.22 -13.32 7.86
C LEU F 8 -5.97 -14.72 8.35
N VAL F 9 -6.99 -15.49 8.72
CA VAL F 9 -6.83 -16.86 9.16
C VAL F 9 -7.94 -17.70 8.59
N CYS F 10 -7.72 -19.01 8.48
CA CYS F 10 -8.79 -19.94 8.09
C CYS F 10 -8.94 -21.09 9.07
N ASP F 11 -10.08 -21.79 9.02
CA ASP F 11 -10.39 -22.86 10.00
C ASP F 11 -11.11 -23.97 9.34
N GLY F 12 -10.42 -25.10 9.27
CA GLY F 12 -10.96 -26.29 8.66
C GLY F 12 -12.00 -26.99 9.50
N ASP F 13 -12.12 -26.65 10.78
CA ASP F 13 -13.28 -27.14 11.54
C ASP F 13 -14.58 -26.34 11.30
N THR F 14 -14.47 -25.03 11.09
CA THR F 14 -15.65 -24.18 10.91
C THR F 14 -15.93 -23.78 9.44
N TYR F 15 -14.98 -24.05 8.56
CA TYR F 15 -15.10 -23.78 7.14
C TYR F 15 -15.34 -22.28 6.94
N LYS F 16 -14.61 -21.48 7.73
CA LYS F 16 -14.67 -20.00 7.69
C LYS F 16 -13.28 -19.43 7.54
N CYS F 17 -13.16 -18.37 6.74
CA CYS F 17 -11.99 -17.54 6.82
C CYS F 17 -12.35 -16.25 7.49
N THR F 18 -11.47 -15.76 8.31
CA THR F 18 -11.70 -14.58 9.08
C THR F 18 -10.66 -13.54 8.81
N ALA F 19 -11.09 -12.32 8.54
CA ALA F 19 -10.19 -11.22 8.34
C ALA F 19 -10.42 -10.19 9.43
N TYR F 20 -9.43 -9.95 10.26
CA TYR F 20 -9.55 -8.88 11.26
C TYR F 20 -9.22 -7.58 10.59
N LEU F 21 -10.01 -6.55 10.90
CA LEU F 21 -10.00 -5.33 10.23
C LEU F 21 -9.39 -4.13 10.98
N ASP F 22 -8.80 -3.20 10.25
CA ASP F 22 -8.35 -1.95 10.84
C ASP F 22 -9.43 -0.90 10.69
N TYR F 23 -10.16 -0.65 11.77
CA TYR F 23 -11.27 0.22 11.80
C TYR F 23 -11.82 0.39 13.26
N GLY F 24 -12.19 1.61 13.62
CA GLY F 24 -12.89 1.84 14.90
C GLY F 24 -12.13 1.33 16.13
N ASP F 25 -12.84 0.62 16.97
CA ASP F 25 -12.27 0.10 18.20
C ASP F 25 -11.49 -1.14 18.01
N GLY F 26 -11.21 -1.54 16.75
CA GLY F 26 -10.43 -2.75 16.52
C GLY F 26 -11.13 -4.08 16.67
N LYS F 27 -12.48 -4.06 16.81
CA LYS F 27 -13.23 -5.27 17.06
C LYS F 27 -14.06 -5.74 15.85
N TRP F 28 -13.79 -5.13 14.73
CA TRP F 28 -14.54 -5.49 13.54
C TRP F 28 -13.85 -6.59 12.76
N VAL F 29 -14.61 -7.56 12.27
CA VAL F 29 -14.13 -8.67 11.48
C VAL F 29 -14.95 -8.96 10.22
N ALA F 30 -14.29 -9.46 9.18
CA ALA F 30 -14.97 -9.96 8.00
C ALA F 30 -14.81 -11.46 8.00
N GLN F 31 -15.88 -12.19 7.66
CA GLN F 31 -15.85 -13.61 7.60
C GLN F 31 -16.65 -14.17 6.46
N TRP F 32 -16.14 -15.19 5.83
CA TRP F 32 -16.86 -15.87 4.80
C TRP F 32 -16.66 -17.36 4.83
N ASP F 33 -17.63 -18.05 4.26
CA ASP F 33 -17.57 -19.49 4.00
C ASP F 33 -16.59 -19.86 2.97
N THR F 34 -15.92 -20.97 3.21
CA THR F 34 -14.88 -21.43 2.36
C THR F 34 -14.88 -22.92 2.38
N ALA F 35 -14.48 -23.53 1.27
CA ALA F 35 -14.18 -24.97 1.26
C ALA F 35 -12.77 -25.13 1.82
N VAL F 36 -12.47 -26.26 2.45
CA VAL F 36 -11.12 -26.52 2.93
C VAL F 36 -10.83 -27.99 2.70
N PHE F 37 -9.65 -28.26 2.15
CA PHE F 37 -9.31 -29.59 1.67
C PHE F 37 -7.78 -29.68 1.49
N HIS F 38 -7.31 -30.91 1.33
CA HIS F 38 -5.88 -31.20 1.27
C HIS F 38 -5.18 -30.88 -0.10
C1 BU4 G . 0.89 26.69 7.55
O1 BU4 G . 1.78 26.59 8.70
C2 BU4 G . 1.75 26.56 6.31
C3 BU4 G . 1.16 25.56 5.34
O3 BU4 G . 1.77 25.49 4.01
C4 BU4 G . -0.26 25.96 5.10
C1 BU4 H . 27.52 12.49 0.85
O1 BU4 H . 27.29 12.49 2.30
C2 BU4 H . 26.49 13.25 -0.03
C3 BU4 H . 25.14 13.37 0.67
O3 BU4 H . 24.01 13.32 -0.19
C4 BU4 H . 25.11 14.69 1.43
C1 BU4 I . 1.75 -0.69 -6.10
O1 BU4 I . 0.80 0.36 -5.98
C2 BU4 I . 1.01 -1.96 -6.23
C3 BU4 I . 0.07 -2.09 -5.05
O3 BU4 I . 0.84 -2.59 -3.92
C4 BU4 I . -1.06 -3.06 -5.38
C1 BU4 J . -15.99 -0.50 6.49
O1 BU4 J . -16.63 -0.81 5.27
C2 BU4 J . -17.11 -0.39 7.45
C3 BU4 J . -16.57 -0.73 8.79
O3 BU4 J . -15.75 -1.92 8.76
C4 BU4 J . -17.84 -0.82 9.62
#